data_9N9L
#
_entry.id   9N9L
#
_cell.length_a   41.503
_cell.length_b   128.898
_cell.length_c   51.832
_cell.angle_alpha   90.00
_cell.angle_beta   91.38
_cell.angle_gamma   90.00
#
_symmetry.space_group_name_H-M   'P 1 21 1'
#
loop_
_entity.id
_entity.type
_entity.pdbx_description
1 polymer 'Nuclear receptor ROR-gamma'
2 non-polymer (5P)-5-[2,3-dichloro-4-(1,1,1,3,3,3-hexafluoro-2-hydroxypropan-2-yl)phenyl]-N-(2-hydroxy-2-methylpropyl)-4-[(2S)-2-methylpyrrolidine-1-carbonyl]-1,3-thiazole-2-carboxamide
3 water water
#
_entity_poly.entity_id   1
_entity_poly.type   'polypeptide(L)'
_entity_poly.pdbx_seq_one_letter_code
;ASLTEIEHLVQSVCKSYRETCQLRLEDLLRQRSNIFSREEVTGYQRKSMWEMWERCAHHLTEAIQYVVEFAKRLSGFMEL
CQNDQIVLLKAGAMEVVLVRMCRAYNADNRTVFFEGKYGGMELFRALGCSELISSIFDFSHSLSALHFSEDEIALYTALV
LINAHRPGLQEKRKVEQLQYNLELAFHHHLCKTHRQSILAKLPPKGKLRSLCSQHVERLQIFQHLHPIVVQAAFPPLYKE
LFS
;
_entity_poly.pdbx_strand_id   A,B
#
loop_
_chem_comp.id
_chem_comp.type
_chem_comp.name
_chem_comp.formula
A1BW2 non-polymer (5P)-5-[2,3-dichloro-4-(1,1,1,3,3,3-hexafluoro-2-hydroxypropan-2-yl)phenyl]-N-(2-hydroxy-2-methylpropyl)-4-[(2S)-2-methylpyrrolidine-1-carbonyl]-1,3-thiazole-2-carboxamide 'C23 H23 Cl2 F6 N3 O4 S'
#
# COMPACT_ATOMS: atom_id res chain seq x y z
N ALA A 1 -13.46 15.78 -28.47
CA ALA A 1 -12.67 15.56 -27.23
C ALA A 1 -13.65 15.59 -26.05
N SER A 2 -14.35 14.47 -25.88
CA SER A 2 -15.56 14.42 -25.05
C SER A 2 -15.25 14.19 -23.58
N LEU A 3 -16.28 14.35 -22.74
CA LEU A 3 -16.12 14.09 -21.33
C LEU A 3 -15.79 12.62 -21.16
N THR A 4 -16.47 11.73 -21.88
CA THR A 4 -16.15 10.32 -21.73
C THR A 4 -14.73 10.00 -22.18
N GLU A 5 -14.28 10.65 -23.25
CA GLU A 5 -12.90 10.47 -23.71
C GLU A 5 -11.85 10.94 -22.67
N ILE A 6 -12.15 12.03 -21.97
CA ILE A 6 -11.22 12.53 -20.98
C ILE A 6 -11.24 11.60 -19.77
N GLU A 7 -12.41 11.10 -19.39
CA GLU A 7 -12.51 10.14 -18.29
C GLU A 7 -11.73 8.87 -18.61
N HIS A 8 -11.89 8.35 -19.81
CA HIS A 8 -11.14 7.15 -20.19
C HIS A 8 -9.63 7.42 -20.25
N LEU A 9 -9.24 8.65 -20.58
CA LEU A 9 -7.83 8.99 -20.64
C LEU A 9 -7.23 9.00 -19.24
N VAL A 10 -7.94 9.60 -18.30
CA VAL A 10 -7.49 9.51 -16.90
C VAL A 10 -7.33 8.04 -16.49
N GLN A 11 -8.35 7.23 -16.75
CA GLN A 11 -8.30 5.83 -16.39
C GLN A 11 -7.12 5.12 -17.05
N SER A 12 -6.85 5.38 -18.33
CA SER A 12 -5.80 4.60 -18.98
C SER A 12 -4.43 5.01 -18.43
N VAL A 13 -4.27 6.31 -18.17
CA VAL A 13 -2.97 6.79 -17.70
C VAL A 13 -2.70 6.22 -16.33
N CYS A 14 -3.73 6.19 -15.49
CA CYS A 14 -3.60 5.63 -14.16
C CYS A 14 -3.28 4.14 -14.19
N LYS A 15 -3.93 3.39 -15.09
CA LYS A 15 -3.66 1.98 -15.27
C LYS A 15 -2.22 1.74 -15.72
N SER A 16 -1.77 2.54 -16.66
CA SER A 16 -0.39 2.42 -17.20
C SER A 16 0.61 2.59 -16.07
N TYR A 17 0.35 3.58 -15.22
CA TYR A 17 1.19 3.84 -14.07
C TYR A 17 1.16 2.64 -13.08
N ARG A 18 -0.02 2.14 -12.72
CA ARG A 18 -0.10 1.01 -11.80
C ARG A 18 0.67 -0.20 -12.34
N GLU A 19 0.59 -0.43 -13.65
CA GLU A 19 1.27 -1.56 -14.28
C GLU A 19 2.80 -1.45 -14.29
N THR A 20 3.34 -0.26 -14.04
CA THR A 20 4.77 -0.05 -14.17
C THR A 20 5.40 0.70 -13.00
N CYS A 21 4.74 0.69 -11.85
CA CYS A 21 5.19 1.52 -10.72
C CYS A 21 6.38 1.00 -9.94
N GLN A 22 6.83 -0.19 -10.25
CA GLN A 22 8.03 -0.75 -9.63
C GLN A 22 7.85 -1.27 -8.22
N LEU A 23 7.46 -0.41 -7.30
CA LEU A 23 7.18 -0.83 -5.96
C LEU A 23 5.80 -0.34 -5.60
N ARG A 24 5.05 -1.15 -4.85
CA ARG A 24 3.73 -0.73 -4.39
C ARG A 24 3.84 0.25 -3.24
N LEU A 25 3.00 1.27 -3.26
CA LEU A 25 3.07 2.29 -2.21
C LEU A 25 2.81 1.66 -0.87
N GLU A 26 1.87 0.71 -0.76
CA GLU A 26 1.65 0.11 0.54
C GLU A 26 2.92 -0.53 1.13
N ASP A 27 3.78 -1.09 0.26
CA ASP A 27 5.00 -1.74 0.71
C ASP A 27 5.98 -0.67 1.20
N LEU A 28 6.10 0.41 0.43
CA LEU A 28 6.99 1.50 0.81
C LEU A 28 6.56 2.11 2.14
N LEU A 29 5.25 2.27 2.35
CA LEU A 29 4.76 2.91 3.57
C LEU A 29 4.96 2.01 4.77
N ARG A 30 4.75 0.71 4.58
CA ARG A 30 4.94 -0.22 5.72
C ARG A 30 6.41 -0.40 6.10
N GLN A 31 7.33 -0.07 5.20
CA GLN A 31 8.74 -0.21 5.45
C GLN A 31 9.36 1.00 6.12
N ARG A 32 8.58 2.05 6.34
CA ARG A 32 9.15 3.29 6.89
C ARG A 32 9.89 3.10 8.20
N SER A 33 9.47 2.15 9.05
CA SER A 33 10.17 1.98 10.32
C SER A 33 11.41 1.10 10.18
N ASN A 34 11.61 0.54 8.98
CA ASN A 34 12.77 -0.30 8.70
C ASN A 34 13.94 0.58 8.21
N ILE A 35 14.75 1.08 9.17
CA ILE A 35 15.79 2.07 8.91
C ILE A 35 17.18 1.46 9.11
N PHE A 36 18.12 1.83 8.24
CA PHE A 36 19.50 1.36 8.43
C PHE A 36 20.03 1.79 9.78
N SER A 37 20.63 0.81 10.47
CA SER A 37 21.31 1.07 11.74
C SER A 37 22.57 1.89 11.55
N ARG A 38 23.07 2.45 12.63
CA ARG A 38 24.32 3.18 12.61
C ARG A 38 25.45 2.33 12.05
N GLU A 39 25.51 1.06 12.41
CA GLU A 39 26.53 0.19 11.89
C GLU A 39 26.39 -0.03 10.36
N GLU A 40 25.16 -0.17 9.86
CA GLU A 40 24.93 -0.38 8.44
C GLU A 40 25.27 0.86 7.65
N VAL A 41 24.96 2.02 8.23
CA VAL A 41 25.32 3.29 7.58
C VAL A 41 26.84 3.39 7.45
N THR A 42 27.54 3.11 8.52
CA THR A 42 29.01 3.15 8.48
C THR A 42 29.51 2.19 7.42
N GLY A 43 28.86 1.04 7.31
CA GLY A 43 29.21 0.05 6.29
C GLY A 43 29.15 0.61 4.90
N TYR A 44 28.04 1.30 4.59
CA TYR A 44 27.92 1.93 3.28
C TYR A 44 28.97 3.07 3.08
N GLN A 45 29.21 3.83 4.13
CA GLN A 45 30.16 4.93 4.06
C GLN A 45 31.57 4.43 3.83
N ARG A 46 31.83 3.19 4.25
CA ARG A 46 33.15 2.60 4.02
C ARG A 46 33.33 1.93 2.65
N LYS A 47 32.26 1.80 1.87
CA LYS A 47 32.39 1.16 0.56
C LYS A 47 33.17 2.06 -0.36
N SER A 48 33.79 1.49 -1.37
CA SER A 48 34.45 2.32 -2.36
C SER A 48 33.44 3.02 -3.27
N MET A 49 33.91 4.10 -3.88
CA MET A 49 33.07 4.77 -4.83
C MET A 49 32.75 3.83 -5.95
N TRP A 50 33.75 3.08 -6.36
CA TRP A 50 33.55 2.14 -7.47
C TRP A 50 32.40 1.18 -7.21
N GLU A 51 32.41 0.57 -6.02
CA GLU A 51 31.35 -0.34 -5.65
C GLU A 51 29.98 0.36 -5.57
N MET A 52 29.91 1.53 -4.95
CA MET A 52 28.65 2.25 -4.86
C MET A 52 28.14 2.67 -6.25
N TRP A 53 29.05 3.05 -7.15
CA TRP A 53 28.62 3.38 -8.51
C TRP A 53 28.08 2.15 -9.19
N GLU A 54 28.70 0.98 -9.02
CA GLU A 54 28.15 -0.22 -9.71
C GLU A 54 26.75 -0.49 -9.18
N ARG A 55 26.57 -0.31 -7.88
CA ARG A 55 25.26 -0.57 -7.26
C ARG A 55 24.23 0.41 -7.78
N CYS A 56 24.57 1.67 -7.79
CA CYS A 56 23.63 2.73 -8.11
C CYS A 56 23.35 2.77 -9.61
N ALA A 57 24.34 2.40 -10.45
CA ALA A 57 24.10 2.26 -11.91
C ALA A 57 23.02 1.22 -12.16
N HIS A 58 23.07 0.13 -11.41
CA HIS A 58 22.04 -0.90 -11.51
C HIS A 58 20.67 -0.34 -11.14
N HIS A 59 20.58 0.38 -10.01
CA HIS A 59 19.27 0.92 -9.59
C HIS A 59 18.75 1.95 -10.59
N LEU A 60 19.66 2.74 -11.13
CA LEU A 60 19.27 3.76 -12.12
C LEU A 60 18.73 3.09 -13.37
N THR A 61 19.48 2.14 -13.93
CA THR A 61 19.02 1.54 -15.18
C THR A 61 17.72 0.76 -14.98
N GLU A 62 17.51 0.14 -13.81
CA GLU A 62 16.26 -0.57 -13.51
C GLU A 62 15.11 0.45 -13.48
N ALA A 63 15.29 1.57 -12.78
CA ALA A 63 14.23 2.56 -12.72
C ALA A 63 13.87 3.11 -14.09
N ILE A 64 14.88 3.32 -14.94
CA ILE A 64 14.64 3.86 -16.27
C ILE A 64 13.81 2.83 -17.09
N GLN A 65 14.08 1.56 -16.90
CA GLN A 65 13.36 0.48 -17.64
C GLN A 65 11.85 0.58 -17.38
N TYR A 66 11.45 0.82 -16.13
CA TYR A 66 10.04 0.91 -15.82
C TYR A 66 9.44 2.17 -16.43
N VAL A 67 10.20 3.26 -16.43
CA VAL A 67 9.68 4.52 -16.99
C VAL A 67 9.47 4.38 -18.50
N VAL A 68 10.40 3.71 -19.19
CA VAL A 68 10.24 3.48 -20.63
C VAL A 68 9.00 2.66 -20.92
N GLU A 69 8.74 1.66 -20.10
CA GLU A 69 7.56 0.83 -20.32
C GLU A 69 6.29 1.64 -20.00
N PHE A 70 6.34 2.49 -18.98
CA PHE A 70 5.20 3.37 -18.70
C PHE A 70 4.86 4.22 -19.92
N ALA A 71 5.89 4.81 -20.54
CA ALA A 71 5.68 5.66 -21.73
C ALA A 71 5.04 4.84 -22.86
N LYS A 72 5.53 3.63 -23.07
CA LYS A 72 5.01 2.82 -24.19
C LYS A 72 3.57 2.39 -24.00
N ARG A 73 3.10 2.36 -22.76
CA ARG A 73 1.73 1.98 -22.50
C ARG A 73 0.85 3.19 -22.40
N LEU A 74 1.46 4.36 -22.41
CA LEU A 74 0.73 5.58 -22.18
C LEU A 74 -0.11 5.86 -23.42
N SER A 75 -1.41 6.09 -23.21
CA SER A 75 -2.31 6.38 -24.32
C SER A 75 -1.76 7.51 -25.19
N GLY A 76 -1.51 7.24 -26.47
CA GLY A 76 -1.09 8.26 -27.41
C GLY A 76 0.39 8.32 -27.71
N PHE A 77 1.21 7.72 -26.86
CA PHE A 77 2.65 7.78 -27.06
C PHE A 77 3.11 6.97 -28.26
N MET A 78 2.54 5.77 -28.43
CA MET A 78 2.93 4.92 -29.53
C MET A 78 2.44 5.47 -30.86
N GLU A 79 1.59 6.50 -30.84
CA GLU A 79 1.20 7.15 -32.10
C GLU A 79 2.31 8.06 -32.64
N LEU A 80 3.18 8.52 -31.75
CA LEU A 80 4.26 9.36 -32.20
C LEU A 80 5.28 8.57 -32.98
N CYS A 81 5.96 9.25 -33.89
CA CYS A 81 7.01 8.55 -34.64
C CYS A 81 8.18 8.19 -33.71
N GLN A 82 8.94 7.18 -34.12
CA GLN A 82 9.97 6.67 -33.21
C GLN A 82 10.94 7.77 -32.82
N ASN A 83 11.27 8.67 -33.74
CA ASN A 83 12.21 9.75 -33.39
C ASN A 83 11.71 10.56 -32.19
N ASP A 84 10.43 10.89 -32.25
CA ASP A 84 9.84 11.74 -31.25
C ASP A 84 9.68 11.01 -29.91
N GLN A 85 9.35 9.71 -29.93
CA GLN A 85 9.37 8.91 -28.71
C GLN A 85 10.73 8.95 -28.03
N ILE A 86 11.77 8.78 -28.85
CA ILE A 86 13.14 8.81 -28.34
C ILE A 86 13.48 10.21 -27.76
N VAL A 87 13.12 11.26 -28.48
CA VAL A 87 13.36 12.62 -27.98
C VAL A 87 12.68 12.82 -26.63
N LEU A 88 11.41 12.44 -26.52
CA LEU A 88 10.70 12.68 -25.27
C LEU A 88 11.29 11.89 -24.14
N LEU A 89 11.65 10.62 -24.36
CA LEU A 89 12.24 9.83 -23.26
C LEU A 89 13.67 10.28 -22.88
N LYS A 90 14.47 10.65 -23.87
CA LYS A 90 15.83 11.06 -23.56
C LYS A 90 15.76 12.30 -22.67
N ALA A 91 14.78 13.16 -22.97
CA ALA A 91 14.63 14.44 -22.29
C ALA A 91 13.93 14.32 -20.93
N GLY A 92 13.03 13.33 -20.81
CA GLY A 92 12.12 13.24 -19.67
C GLY A 92 12.18 12.02 -18.76
N ALA A 93 12.84 10.96 -19.15
CA ALA A 93 12.75 9.74 -18.36
C ALA A 93 13.38 9.90 -16.98
N MET A 94 14.55 10.54 -16.92
CA MET A 94 15.20 10.76 -15.62
C MET A 94 14.33 11.66 -14.75
N GLU A 95 13.70 12.64 -15.37
CA GLU A 95 12.81 13.50 -14.61
C GLU A 95 11.68 12.69 -13.98
N VAL A 96 11.13 11.74 -14.73
CA VAL A 96 10.12 10.91 -14.13
C VAL A 96 10.69 10.04 -13.01
N VAL A 97 11.89 9.52 -13.19
CA VAL A 97 12.50 8.69 -12.16
C VAL A 97 12.57 9.52 -10.86
N LEU A 98 13.02 10.76 -10.98
CA LEU A 98 13.18 11.60 -9.81
C LEU A 98 11.86 11.95 -9.15
N VAL A 99 10.80 12.12 -9.94
CA VAL A 99 9.47 12.36 -9.37
C VAL A 99 8.95 11.13 -8.66
N ARG A 100 9.08 9.97 -9.31
CA ARG A 100 8.65 8.69 -8.75
C ARG A 100 9.30 8.43 -7.39
N MET A 101 10.53 8.90 -7.23
CA MET A 101 11.28 8.67 -6.03
C MET A 101 10.61 9.23 -4.76
N CYS A 102 9.80 10.27 -4.89
CA CYS A 102 9.18 10.84 -3.67
C CYS A 102 8.25 9.82 -2.98
N ARG A 103 7.75 8.82 -3.71
CA ARG A 103 6.95 7.78 -3.05
C ARG A 103 7.75 6.99 -2.02
N ALA A 104 9.06 6.95 -2.22
CA ALA A 104 9.99 6.17 -1.43
C ALA A 104 10.74 7.05 -0.42
N TYR A 105 10.25 8.27 -0.30
CA TYR A 105 10.85 9.26 0.60
C TYR A 105 9.99 9.50 1.83
N ASN A 106 10.65 9.54 3.00
CA ASN A 106 9.94 9.78 4.26
C ASN A 106 10.36 11.16 4.77
N ALA A 107 9.47 12.14 4.64
CA ALA A 107 9.85 13.51 5.03
C ALA A 107 10.01 13.67 6.54
N ASP A 108 9.44 12.77 7.32
CA ASP A 108 9.52 12.91 8.79
C ASP A 108 10.93 12.76 9.35
N ASN A 109 11.75 11.90 8.74
CA ASN A 109 13.12 11.72 9.14
C ASN A 109 14.10 11.89 7.97
N ARG A 110 13.61 12.39 6.84
CA ARG A 110 14.48 12.67 5.68
C ARG A 110 15.29 11.43 5.24
N THR A 111 14.57 10.33 5.06
CA THR A 111 15.18 9.12 4.54
C THR A 111 14.48 8.64 3.27
N VAL A 112 15.22 7.83 2.51
CA VAL A 112 14.73 7.27 1.26
C VAL A 112 14.91 5.75 1.30
N PHE A 113 13.96 5.02 0.73
CA PHE A 113 14.09 3.57 0.66
C PHE A 113 15.16 3.19 -0.37
N PHE A 114 16.15 2.42 0.07
CA PHE A 114 17.31 2.09 -0.77
C PHE A 114 17.79 0.71 -0.33
N GLU A 115 17.82 -0.23 -1.28
CA GLU A 115 18.38 -1.56 -0.95
C GLU A 115 17.78 -2.15 0.32
N GLY A 116 16.46 -2.02 0.44
CA GLY A 116 15.76 -2.78 1.43
C GLY A 116 15.38 -2.07 2.71
N LYS A 117 16.03 -0.93 2.98
CA LYS A 117 15.71 -0.16 4.18
C LYS A 117 15.74 1.33 3.87
N TYR A 118 15.27 2.14 4.81
CA TYR A 118 15.34 3.60 4.67
C TYR A 118 16.66 4.17 5.18
N GLY A 119 17.26 5.07 4.40
CA GLY A 119 18.50 5.71 4.86
C GLY A 119 18.53 7.18 4.50
N GLY A 120 19.32 7.97 5.24
CA GLY A 120 19.42 9.39 4.93
C GLY A 120 20.53 9.68 3.98
N MET A 121 20.75 10.97 3.72
CA MET A 121 21.68 11.28 2.65
C MET A 121 23.10 10.83 2.99
N GLU A 122 23.41 10.73 4.29
CA GLU A 122 24.75 10.30 4.64
C GLU A 122 25.06 8.85 4.21
N LEU A 123 24.05 8.05 3.85
CA LEU A 123 24.32 6.69 3.39
C LEU A 123 25.21 6.72 2.13
N PHE A 124 25.09 7.82 1.36
CA PHE A 124 25.64 7.87 -0.02
C PHE A 124 26.98 8.60 -0.17
N ARG A 125 27.66 8.82 0.96
CA ARG A 125 28.86 9.65 0.89
C ARG A 125 29.99 9.11 0.02
N ALA A 126 30.06 7.79 -0.10
CA ALA A 126 31.15 7.19 -0.84
C ALA A 126 31.04 7.49 -2.36
N LEU A 127 29.86 7.88 -2.82
CA LEU A 127 29.72 8.29 -4.23
C LEU A 127 30.47 9.55 -4.54
N GLY A 128 30.78 10.36 -3.52
CA GLY A 128 31.57 11.55 -3.81
C GLY A 128 30.88 12.65 -4.60
N CYS A 129 29.57 12.76 -4.45
CA CYS A 129 28.80 13.85 -5.06
C CYS A 129 27.76 14.36 -4.06
N SER A 130 28.25 14.87 -2.96
CA SER A 130 27.41 15.37 -1.88
C SER A 130 26.32 16.37 -2.28
N GLU A 131 26.67 17.39 -3.08
CA GLU A 131 25.72 18.37 -3.60
C GLU A 131 24.54 17.75 -4.34
N LEU A 132 24.86 16.87 -5.27
CA LEU A 132 23.83 16.16 -6.00
C LEU A 132 22.89 15.33 -5.09
N ILE A 133 23.48 14.55 -4.19
CA ILE A 133 22.66 13.74 -3.31
C ILE A 133 21.72 14.62 -2.47
N SER A 134 22.25 15.67 -1.86
CA SER A 134 21.35 16.53 -1.08
C SER A 134 20.33 17.24 -2.06
N SER A 135 20.66 17.50 -3.35
CA SER A 135 19.68 18.10 -4.27
C SER A 135 18.52 17.13 -4.54
N ILE A 136 18.84 15.83 -4.59
CA ILE A 136 17.83 14.80 -4.81
C ILE A 136 16.87 14.76 -3.60
N PHE A 137 17.47 14.74 -2.41
CA PHE A 137 16.70 14.69 -1.18
C PHE A 137 15.84 15.92 -1.12
N ASP A 138 16.39 17.09 -1.48
CA ASP A 138 15.61 18.33 -1.34
C ASP A 138 14.43 18.37 -2.30
N PHE A 139 14.65 17.82 -3.48
CA PHE A 139 13.60 17.75 -4.47
C PHE A 139 12.52 16.84 -3.97
N SER A 140 12.91 15.68 -3.41
CA SER A 140 11.92 14.73 -2.90
C SER A 140 11.16 15.38 -1.76
N HIS A 141 11.86 16.13 -0.92
CA HIS A 141 11.19 16.74 0.23
C HIS A 141 10.16 17.71 -0.30
N SER A 142 10.50 18.45 -1.35
CA SER A 142 9.57 19.47 -1.85
C SER A 142 8.32 18.80 -2.43
N LEU A 143 8.48 17.66 -3.09
CA LEU A 143 7.30 16.92 -3.60
C LEU A 143 6.49 16.27 -2.49
N SER A 144 7.18 15.86 -1.44
CA SER A 144 6.55 15.22 -0.31
C SER A 144 5.42 16.06 0.27
N ALA A 145 5.57 17.40 0.22
CA ALA A 145 4.58 18.37 0.71
C ALA A 145 3.22 18.25 0.05
N LEU A 146 3.17 17.68 -1.14
CA LEU A 146 1.90 17.63 -1.91
C LEU A 146 1.04 16.43 -1.54
N HIS A 147 1.66 15.44 -0.92
CA HIS A 147 1.00 14.18 -0.59
C HIS A 147 0.28 13.64 -1.80
N PHE A 148 0.98 13.58 -2.93
CA PHE A 148 0.40 13.04 -4.17
C PHE A 148 -0.35 11.75 -3.95
N SER A 149 -1.53 11.64 -4.55
CA SER A 149 -2.12 10.31 -4.73
C SER A 149 -1.41 9.56 -5.83
N GLU A 150 -1.65 8.25 -5.89
CA GLU A 150 -1.07 7.47 -6.98
C GLU A 150 -1.62 7.98 -8.30
N ASP A 151 -2.90 8.35 -8.37
CA ASP A 151 -3.46 8.85 -9.63
C ASP A 151 -2.85 10.19 -10.06
N GLU A 152 -2.60 11.06 -9.09
CA GLU A 152 -1.92 12.31 -9.39
C GLU A 152 -0.50 12.11 -9.89
N ILE A 153 0.29 11.22 -9.26
CA ILE A 153 1.62 10.89 -9.75
C ILE A 153 1.56 10.39 -11.20
N ALA A 154 0.58 9.53 -11.51
CA ALA A 154 0.42 9.01 -12.86
C ALA A 154 0.25 10.15 -13.85
N LEU A 155 -0.69 11.04 -13.55
CA LEU A 155 -1.01 12.11 -14.50
C LEU A 155 0.13 13.13 -14.58
N TYR A 156 0.72 13.47 -13.44
CA TYR A 156 1.80 14.43 -13.45
C TYR A 156 3.01 13.88 -14.18
N THR A 157 3.38 12.62 -13.95
CA THR A 157 4.56 12.10 -14.67
C THR A 157 4.28 11.91 -16.16
N ALA A 158 3.03 11.66 -16.52
CA ALA A 158 2.70 11.63 -17.95
C ALA A 158 2.99 12.98 -18.60
N LEU A 159 2.66 14.06 -17.91
CA LEU A 159 2.91 15.41 -18.42
C LEU A 159 4.39 15.77 -18.41
N VAL A 160 5.16 15.18 -17.50
CA VAL A 160 6.60 15.43 -17.51
C VAL A 160 7.14 14.92 -18.84
N LEU A 161 6.62 13.76 -19.27
CA LEU A 161 7.13 13.12 -20.51
C LEU A 161 6.55 13.79 -21.76
N ILE A 162 5.26 14.10 -21.77
CA ILE A 162 4.62 14.60 -23.00
C ILE A 162 4.70 16.11 -23.03
N ASN A 163 5.84 16.61 -23.47
CA ASN A 163 6.21 18.03 -23.44
C ASN A 163 6.61 18.44 -24.85
N ALA A 164 5.76 19.24 -25.51
CA ALA A 164 5.93 19.55 -26.94
C ALA A 164 7.03 20.58 -27.17
N HIS A 165 7.67 21.04 -26.09
CA HIS A 165 8.74 22.03 -26.20
C HIS A 165 10.14 21.42 -26.31
N ARG A 166 10.28 20.11 -26.18
CA ARG A 166 11.58 19.47 -26.25
C ARG A 166 12.16 19.70 -27.63
N PRO A 167 13.43 20.09 -27.66
CA PRO A 167 14.05 20.32 -28.96
C PRO A 167 14.21 19.04 -29.74
N GLY A 168 14.07 19.14 -31.06
CA GLY A 168 14.30 18.00 -31.92
C GLY A 168 13.07 17.19 -32.31
N LEU A 169 11.89 17.58 -31.84
CA LEU A 169 10.68 16.86 -32.25
C LEU A 169 10.42 17.09 -33.71
N GLN A 170 10.05 16.04 -34.44
CA GLN A 170 9.70 16.17 -35.84
C GLN A 170 8.22 16.44 -36.10
N GLU A 171 7.39 16.02 -35.15
CA GLU A 171 5.95 16.17 -35.28
C GLU A 171 5.43 16.92 -34.08
N LYS A 172 5.83 18.18 -33.97
CA LYS A 172 5.56 18.93 -32.74
C LYS A 172 4.05 19.04 -32.53
N ARG A 173 3.32 19.22 -33.62
CA ARG A 173 1.88 19.38 -33.55
C ARG A 173 1.24 18.21 -32.83
N LYS A 174 1.68 17.02 -33.19
CA LYS A 174 1.16 15.77 -32.61
C LYS A 174 1.39 15.74 -31.10
N VAL A 175 2.57 16.16 -30.66
CA VAL A 175 2.88 16.10 -29.24
C VAL A 175 2.04 17.15 -28.51
N GLU A 176 1.90 18.32 -29.14
CA GLU A 176 1.08 19.40 -28.57
C GLU A 176 -0.32 18.91 -28.30
N GLN A 177 -0.88 18.14 -29.22
CA GLN A 177 -2.26 17.66 -29.08
C GLN A 177 -2.35 16.70 -27.91
N LEU A 178 -1.36 15.82 -27.80
CA LEU A 178 -1.35 14.89 -26.68
C LEU A 178 -1.21 15.63 -25.35
N GLN A 179 -0.31 16.59 -25.32
CA GLN A 179 -0.11 17.36 -24.11
C GLN A 179 -1.38 18.09 -23.71
N TYR A 180 -2.04 18.70 -24.69
CA TYR A 180 -3.27 19.49 -24.46
C TYR A 180 -4.30 18.59 -23.79
N ASN A 181 -4.46 17.36 -24.29
CA ASN A 181 -5.47 16.48 -23.72
C ASN A 181 -5.08 15.97 -22.33
N LEU A 182 -3.80 15.62 -22.12
CA LEU A 182 -3.35 15.23 -20.78
C LEU A 182 -3.48 16.39 -19.78
N GLU A 183 -3.24 17.62 -20.21
CA GLU A 183 -3.37 18.74 -19.29
C GLU A 183 -4.84 18.87 -18.87
N LEU A 184 -5.73 18.78 -19.86
CA LEU A 184 -7.16 18.87 -19.58
C LEU A 184 -7.58 17.74 -18.63
N ALA A 185 -7.06 16.55 -18.87
CA ALA A 185 -7.36 15.38 -18.04
C ALA A 185 -6.88 15.62 -16.60
N PHE A 186 -5.64 16.08 -16.45
CA PHE A 186 -5.08 16.36 -15.15
C PHE A 186 -5.94 17.35 -14.40
N HIS A 187 -6.25 18.47 -15.04
CA HIS A 187 -7.01 19.51 -14.34
C HIS A 187 -8.44 19.10 -14.08
N HIS A 188 -9.03 18.35 -15.02
CA HIS A 188 -10.38 17.81 -14.80
C HIS A 188 -10.41 16.94 -13.56
N HIS A 189 -9.40 16.10 -13.47
CA HIS A 189 -9.34 15.16 -12.36
C HIS A 189 -9.07 15.85 -11.02
N LEU A 190 -8.14 16.78 -11.00
CA LEU A 190 -7.94 17.58 -9.80
C LEU A 190 -9.22 18.28 -9.33
N CYS A 191 -10.00 18.88 -10.24
CA CYS A 191 -11.23 19.57 -9.80
C CYS A 191 -12.25 18.56 -9.28
N LYS A 192 -12.37 17.44 -9.98
CA LYS A 192 -13.27 16.38 -9.58
C LYS A 192 -12.98 15.89 -8.16
N THR A 193 -11.71 15.84 -7.80
CA THR A 193 -11.30 15.27 -6.54
C THR A 193 -10.99 16.33 -5.49
N HIS A 194 -11.33 17.58 -5.76
CA HIS A 194 -11.05 18.69 -4.85
C HIS A 194 -9.59 18.82 -4.49
N ARG A 195 -8.73 18.74 -5.49
CA ARG A 195 -7.28 18.79 -5.24
C ARG A 195 -6.57 19.81 -6.07
N GLN A 196 -7.28 20.80 -6.59
CA GLN A 196 -6.68 21.86 -7.41
C GLN A 196 -5.53 22.52 -6.68
N SER A 197 -5.65 22.60 -5.37
CA SER A 197 -4.72 23.41 -4.60
C SER A 197 -3.30 22.87 -4.65
N ILE A 198 -3.09 21.63 -5.07
CA ILE A 198 -1.72 21.15 -5.15
C ILE A 198 -0.94 21.84 -6.29
N LEU A 199 -1.63 22.49 -7.21
CA LEU A 199 -0.93 23.05 -8.34
C LEU A 199 0.03 24.14 -7.84
N ALA A 200 -0.42 24.95 -6.88
CA ALA A 200 0.37 26.10 -6.44
C ALA A 200 1.55 25.65 -5.60
N LYS A 201 1.60 24.37 -5.27
CA LYS A 201 2.69 23.81 -4.50
C LYS A 201 3.67 22.96 -5.31
N LEU A 202 3.44 22.85 -6.60
CA LEU A 202 4.40 22.15 -7.45
C LEU A 202 5.62 23.03 -7.49
N PRO A 203 6.81 22.44 -7.53
CA PRO A 203 7.99 23.31 -7.41
C PRO A 203 8.42 24.14 -8.63
N PRO A 204 9.28 25.14 -8.39
CA PRO A 204 9.79 25.97 -9.50
C PRO A 204 10.70 25.22 -10.45
N LYS A 205 10.48 25.31 -11.75
CA LYS A 205 11.36 24.67 -12.76
C LYS A 205 12.87 24.57 -12.45
N GLY A 206 13.50 25.69 -12.08
CA GLY A 206 14.92 25.69 -11.78
C GLY A 206 15.50 24.66 -10.85
N LYS A 207 14.65 24.00 -10.08
CA LYS A 207 15.10 22.98 -9.19
C LYS A 207 15.38 21.70 -9.93
N LEU A 208 14.38 21.21 -10.64
CA LEU A 208 14.52 19.96 -11.34
C LEU A 208 15.50 20.06 -12.46
N ARG A 209 15.50 21.19 -13.13
CA ARG A 209 16.34 21.35 -14.28
C ARG A 209 17.74 21.29 -13.81
N SER A 210 18.03 22.02 -12.76
CA SER A 210 19.33 21.95 -12.21
C SER A 210 19.61 20.50 -11.86
N LEU A 211 18.63 19.80 -11.28
CA LEU A 211 18.87 18.43 -10.80
C LEU A 211 19.24 17.50 -11.91
N CYS A 212 18.46 17.49 -12.97
CA CYS A 212 18.74 16.58 -14.05
C CYS A 212 20.08 16.95 -14.72
N SER A 213 20.44 18.24 -14.76
CA SER A 213 21.73 18.62 -15.34
C SER A 213 22.88 18.19 -14.45
N GLN A 214 22.67 18.32 -13.16
CA GLN A 214 23.65 17.84 -12.22
C GLN A 214 23.90 16.35 -12.35
N HIS A 215 22.82 15.58 -12.50
CA HIS A 215 22.88 14.13 -12.67
C HIS A 215 23.66 13.81 -13.91
N VAL A 216 23.35 14.53 -14.98
CA VAL A 216 24.04 14.28 -16.25
C VAL A 216 25.56 14.50 -16.14
N GLU A 217 25.97 15.58 -15.48
CA GLU A 217 27.39 15.82 -15.25
C GLU A 217 28.04 14.68 -14.46
N ARG A 218 27.39 14.25 -13.36
CA ARG A 218 28.02 13.25 -12.49
C ARG A 218 28.03 11.89 -13.14
N LEU A 219 26.97 11.55 -13.87
CA LEU A 219 26.94 10.30 -14.60
C LEU A 219 28.16 10.21 -15.56
N GLN A 220 28.47 11.29 -16.26
CA GLN A 220 29.60 11.23 -17.19
C GLN A 220 30.93 10.98 -16.49
N ILE A 221 31.08 11.55 -15.30
CA ILE A 221 32.30 11.37 -14.52
C ILE A 221 32.37 9.90 -14.09
N PHE A 222 31.28 9.35 -13.56
CA PHE A 222 31.31 7.93 -13.16
C PHE A 222 31.64 7.01 -14.31
N GLN A 223 31.02 7.25 -15.48
CA GLN A 223 31.30 6.46 -16.66
C GLN A 223 32.74 6.55 -17.15
N HIS A 224 33.36 7.70 -16.92
CA HIS A 224 34.74 7.86 -17.28
C HIS A 224 35.65 7.04 -16.37
N LEU A 225 35.35 7.10 -15.09
CA LEU A 225 36.20 6.43 -14.09
C LEU A 225 36.03 4.93 -14.18
N HIS A 226 34.78 4.50 -14.40
CA HIS A 226 34.42 3.08 -14.38
C HIS A 226 33.34 2.80 -15.41
N PRO A 227 33.72 2.70 -16.67
CA PRO A 227 32.70 2.43 -17.67
C PRO A 227 32.02 1.06 -17.37
N ILE A 228 30.71 1.02 -17.38
CA ILE A 228 30.05 -0.22 -16.95
C ILE A 228 30.13 -1.34 -17.96
N ALA B 1 -8.82 -29.63 -10.12
CA ALA B 1 -9.02 -28.30 -10.69
C ALA B 1 -7.98 -27.96 -11.75
N SER B 2 -8.48 -27.44 -12.87
CA SER B 2 -7.65 -26.83 -13.90
C SER B 2 -6.89 -25.63 -13.39
N LEU B 3 -5.78 -25.32 -14.07
CA LEU B 3 -5.04 -24.12 -13.70
C LEU B 3 -5.95 -22.90 -13.76
N THR B 4 -6.74 -22.85 -14.82
CA THR B 4 -7.67 -21.76 -14.99
C THR B 4 -8.68 -21.73 -13.84
N GLU B 5 -9.13 -22.88 -13.37
CA GLU B 5 -10.10 -22.87 -12.27
C GLU B 5 -9.51 -22.38 -10.95
N ILE B 6 -8.26 -22.78 -10.68
CA ILE B 6 -7.50 -22.28 -9.52
C ILE B 6 -7.37 -20.79 -9.60
N GLU B 7 -6.87 -20.30 -10.73
CA GLU B 7 -6.70 -18.87 -10.91
C GLU B 7 -8.03 -18.14 -10.80
N HIS B 8 -9.12 -18.66 -11.36
CA HIS B 8 -10.41 -17.99 -11.17
C HIS B 8 -10.86 -17.96 -9.70
N LEU B 9 -10.55 -19.00 -8.93
CA LEU B 9 -10.92 -19.03 -7.53
C LEU B 9 -10.16 -17.95 -6.76
N VAL B 10 -8.85 -17.84 -7.02
CA VAL B 10 -8.06 -16.78 -6.42
C VAL B 10 -8.72 -15.43 -6.72
N GLN B 11 -9.06 -15.21 -7.97
CA GLN B 11 -9.62 -13.92 -8.35
C GLN B 11 -10.98 -13.67 -7.68
N SER B 12 -11.78 -14.73 -7.55
CA SER B 12 -13.11 -14.60 -6.98
C SER B 12 -13.05 -14.24 -5.49
N VAL B 13 -12.16 -14.89 -4.76
CA VAL B 13 -11.97 -14.63 -3.33
C VAL B 13 -11.48 -13.21 -3.13
N CYS B 14 -10.54 -12.78 -3.95
CA CYS B 14 -9.98 -11.43 -3.77
C CYS B 14 -11.02 -10.37 -4.08
N LYS B 15 -11.85 -10.60 -5.09
CA LYS B 15 -12.92 -9.69 -5.42
C LYS B 15 -13.90 -9.60 -4.25
N SER B 16 -14.25 -10.75 -3.68
CA SER B 16 -15.26 -10.79 -2.64
C SER B 16 -14.73 -9.97 -1.46
N TYR B 17 -13.45 -10.14 -1.20
CA TYR B 17 -12.77 -9.40 -0.16
C TYR B 17 -12.78 -7.87 -0.44
N ARG B 18 -12.35 -7.47 -1.65
CA ARG B 18 -12.44 -6.06 -2.01
C ARG B 18 -13.84 -5.45 -1.82
N GLU B 19 -14.86 -6.25 -2.12
CA GLU B 19 -16.25 -5.78 -2.12
C GLU B 19 -16.76 -5.57 -0.69
N THR B 20 -16.04 -6.13 0.29
CA THR B 20 -16.50 -6.11 1.69
C THR B 20 -15.44 -5.60 2.68
N CYS B 21 -14.38 -4.97 2.24
CA CYS B 21 -13.28 -4.63 3.18
C CYS B 21 -13.43 -3.46 4.18
N GLN B 22 -14.38 -2.58 4.01
CA GLN B 22 -14.64 -1.46 4.94
C GLN B 22 -13.82 -0.21 4.65
N LEU B 23 -12.50 -0.30 4.73
CA LEU B 23 -11.63 0.80 4.41
C LEU B 23 -10.51 0.28 3.52
N ARG B 24 -9.91 1.15 2.72
CA ARG B 24 -8.81 0.76 1.84
C ARG B 24 -7.49 0.75 2.58
N LEU B 25 -6.61 -0.19 2.23
CA LEU B 25 -5.34 -0.29 2.93
C LEU B 25 -4.54 0.98 2.74
N GLU B 26 -4.50 1.51 1.53
CA GLU B 26 -3.77 2.74 1.28
C GLU B 26 -4.19 3.84 2.24
N ASP B 27 -5.49 3.99 2.44
CA ASP B 27 -6.00 5.07 3.26
C ASP B 27 -5.62 4.87 4.70
N LEU B 28 -5.76 3.63 5.17
CA LEU B 28 -5.34 3.30 6.52
C LEU B 28 -3.87 3.66 6.73
N LEU B 29 -3.02 3.33 5.75
CA LEU B 29 -1.58 3.57 5.91
C LEU B 29 -1.25 5.05 5.90
N ARG B 30 -1.91 5.78 5.02
CA ARG B 30 -1.67 7.21 4.92
C ARG B 30 -2.12 7.94 6.19
N GLN B 31 -3.18 7.44 6.81
CA GLN B 31 -3.73 8.07 8.02
C GLN B 31 -2.89 7.83 9.28
N ARG B 32 -1.78 7.11 9.15
CA ARG B 32 -0.98 6.70 10.30
C ARG B 32 -0.44 7.93 11.03
N SER B 33 -0.30 9.06 10.33
CA SER B 33 0.19 10.28 10.98
C SER B 33 -0.89 11.07 11.76
N ASN B 34 -2.15 10.64 11.60
CA ASN B 34 -3.30 11.19 12.34
C ASN B 34 -3.50 10.48 13.66
N ILE B 35 -2.92 11.01 14.73
CA ILE B 35 -2.90 10.32 16.03
C ILE B 35 -3.62 11.15 17.07
N PHE B 36 -4.39 10.51 17.93
CA PHE B 36 -5.09 11.23 18.99
C PHE B 36 -4.14 11.98 19.88
N SER B 37 -4.49 13.21 20.14
CA SER B 37 -3.70 14.06 21.01
C SER B 37 -3.84 13.60 22.47
N ARG B 38 -2.95 14.05 23.36
CA ARG B 38 -3.03 13.65 24.77
C ARG B 38 -4.39 14.06 25.37
N GLU B 39 -4.91 15.21 24.94
CA GLU B 39 -6.19 15.67 25.43
C GLU B 39 -7.32 14.77 24.92
N GLU B 40 -7.23 14.33 23.67
CA GLU B 40 -8.26 13.44 23.15
C GLU B 40 -8.23 12.10 23.87
N VAL B 41 -7.02 11.62 24.18
CA VAL B 41 -6.89 10.33 24.83
C VAL B 41 -7.52 10.44 26.21
N THR B 42 -7.26 11.56 26.91
CA THR B 42 -7.83 11.73 28.25
C THR B 42 -9.34 11.77 28.16
N GLY B 43 -9.86 12.39 27.09
CA GLY B 43 -11.30 12.46 26.92
C GLY B 43 -11.89 11.05 26.82
N TYR B 44 -11.27 10.17 26.02
CA TYR B 44 -11.77 8.79 25.92
C TYR B 44 -11.64 8.07 27.26
N GLN B 45 -10.59 8.34 28.03
CA GLN B 45 -10.38 7.64 29.29
C GLN B 45 -11.43 8.05 30.32
N ARG B 46 -11.98 9.24 30.13
N ARG B 46 -11.98 9.25 30.15
CA ARG B 46 -12.96 9.82 31.05
CA ARG B 46 -12.97 9.80 31.07
C ARG B 46 -14.41 9.44 30.74
C ARG B 46 -14.41 9.40 30.76
N LYS B 47 -14.62 8.78 29.59
CA LYS B 47 -15.94 8.29 29.23
C LYS B 47 -16.32 7.15 30.17
N SER B 48 -17.63 6.95 30.37
CA SER B 48 -18.07 5.84 31.18
C SER B 48 -17.93 4.54 30.40
N MET B 49 -17.85 3.42 31.11
CA MET B 49 -17.83 2.10 30.45
C MET B 49 -19.03 1.94 29.56
N TRP B 50 -20.18 2.41 30.02
CA TRP B 50 -21.41 2.29 29.27
C TRP B 50 -21.33 2.98 27.91
N GLU B 51 -20.78 4.19 27.91
CA GLU B 51 -20.67 4.93 26.67
C GLU B 51 -19.71 4.25 25.72
N MET B 52 -18.55 3.83 26.23
CA MET B 52 -17.57 3.12 25.38
C MET B 52 -18.16 1.81 24.85
N TRP B 53 -18.90 1.08 25.68
CA TRP B 53 -19.54 -0.16 25.21
C TRP B 53 -20.53 0.15 24.11
N GLU B 54 -21.33 1.20 24.23
CA GLU B 54 -22.29 1.48 23.15
C GLU B 54 -21.55 1.76 21.84
N ARG B 55 -20.47 2.50 21.94
CA ARG B 55 -19.67 2.83 20.76
C ARG B 55 -19.07 1.58 20.15
N CYS B 56 -18.47 0.76 21.00
CA CYS B 56 -17.69 -0.34 20.48
C CYS B 56 -18.62 -1.47 20.02
N ALA B 57 -19.81 -1.58 20.61
CA ALA B 57 -20.80 -2.57 20.14
C ALA B 57 -21.20 -2.21 18.72
N HIS B 58 -21.32 -0.92 18.43
CA HIS B 58 -21.62 -0.49 17.06
C HIS B 58 -20.49 -0.94 16.11
N HIS B 59 -19.24 -0.69 16.49
CA HIS B 59 -18.12 -1.05 15.62
C HIS B 59 -18.04 -2.53 15.38
N LEU B 60 -18.29 -3.29 16.44
CA LEU B 60 -18.23 -4.76 16.37
C LEU B 60 -19.31 -5.25 15.43
N THR B 61 -20.53 -4.76 15.62
CA THR B 61 -21.62 -5.23 14.83
C THR B 61 -21.45 -4.93 13.35
N GLU B 62 -20.94 -3.74 13.06
CA GLU B 62 -20.66 -3.34 11.69
C GLU B 62 -19.59 -4.21 11.06
N ALA B 63 -18.52 -4.52 11.82
CA ALA B 63 -17.44 -5.35 11.25
C ALA B 63 -17.96 -6.77 10.93
N ILE B 64 -18.77 -7.29 11.84
CA ILE B 64 -19.34 -8.64 11.64
C ILE B 64 -20.24 -8.64 10.42
N GLN B 65 -21.00 -7.57 10.22
CA GLN B 65 -21.91 -7.52 9.04
C GLN B 65 -21.11 -7.69 7.75
N TYR B 66 -19.97 -7.02 7.67
CA TYR B 66 -19.16 -7.08 6.45
C TYR B 66 -18.57 -8.49 6.27
N VAL B 67 -18.18 -9.12 7.35
CA VAL B 67 -17.60 -10.47 7.27
C VAL B 67 -18.68 -11.46 6.84
N VAL B 68 -19.91 -11.33 7.36
CA VAL B 68 -20.98 -12.20 6.88
C VAL B 68 -21.19 -12.02 5.39
N GLU B 69 -21.15 -10.79 4.92
CA GLU B 69 -21.34 -10.56 3.48
C GLU B 69 -20.20 -11.12 2.65
N PHE B 70 -18.96 -11.00 3.15
CA PHE B 70 -17.79 -11.66 2.52
C PHE B 70 -18.05 -13.14 2.34
N ALA B 71 -18.49 -13.81 3.40
CA ALA B 71 -18.76 -15.25 3.36
C ALA B 71 -19.80 -15.59 2.28
N LYS B 72 -20.89 -14.82 2.22
CA LYS B 72 -21.96 -15.15 1.30
C LYS B 72 -21.49 -14.97 -0.14
N ARG B 73 -20.49 -14.14 -0.35
CA ARG B 73 -20.00 -13.93 -1.70
C ARG B 73 -18.90 -14.90 -2.08
N LEU B 74 -18.39 -15.62 -1.08
CA LEU B 74 -17.20 -16.46 -1.23
C LEU B 74 -17.60 -17.61 -2.09
N SER B 75 -16.83 -17.88 -3.16
CA SER B 75 -17.20 -18.93 -4.12
C SER B 75 -17.27 -20.29 -3.46
N GLY B 76 -18.45 -20.91 -3.45
CA GLY B 76 -18.62 -22.19 -2.76
C GLY B 76 -19.30 -22.22 -1.40
N PHE B 77 -19.32 -21.09 -0.69
CA PHE B 77 -19.94 -21.05 0.63
C PHE B 77 -21.44 -21.34 0.52
N MET B 78 -22.04 -20.84 -0.53
CA MET B 78 -23.48 -20.98 -0.70
C MET B 78 -23.83 -22.40 -1.11
N GLU B 79 -22.84 -23.26 -1.35
CA GLU B 79 -23.13 -24.66 -1.68
C GLU B 79 -23.32 -25.47 -0.41
N LEU B 80 -22.93 -24.90 0.73
CA LEU B 80 -23.15 -25.59 1.98
C LEU B 80 -24.60 -25.41 2.40
N CYS B 81 -25.10 -26.34 3.18
CA CYS B 81 -26.43 -26.23 3.72
C CYS B 81 -26.48 -25.09 4.73
N GLN B 82 -27.67 -24.56 4.96
CA GLN B 82 -27.75 -23.40 5.85
C GLN B 82 -27.18 -23.70 7.24
N ASN B 83 -27.43 -24.90 7.76
CA ASN B 83 -26.85 -25.25 9.06
C ASN B 83 -25.35 -25.01 9.11
N ASP B 84 -24.66 -25.53 8.10
CA ASP B 84 -23.20 -25.48 8.11
C ASP B 84 -22.71 -24.06 7.87
N GLN B 85 -23.44 -23.28 7.08
CA GLN B 85 -23.10 -21.85 6.94
C GLN B 85 -23.10 -21.17 8.29
N ILE B 86 -24.14 -21.47 9.05
CA ILE B 86 -24.29 -20.84 10.36
C ILE B 86 -23.20 -21.31 11.32
N VAL B 87 -22.94 -22.62 11.28
CA VAL B 87 -21.85 -23.14 12.14
C VAL B 87 -20.53 -22.45 11.83
N LEU B 88 -20.21 -22.36 10.55
CA LEU B 88 -18.91 -21.76 10.18
C LEU B 88 -18.85 -20.30 10.56
N LEU B 89 -19.94 -19.55 10.38
CA LEU B 89 -19.84 -18.13 10.73
C LEU B 89 -19.89 -17.90 12.23
N LYS B 90 -20.63 -18.71 12.96
CA LYS B 90 -20.64 -18.52 14.40
C LYS B 90 -19.27 -18.72 15.00
N ALA B 91 -18.56 -19.74 14.49
CA ALA B 91 -17.22 -20.11 14.95
C ALA B 91 -16.13 -19.17 14.42
N GLY B 92 -16.34 -18.59 13.25
CA GLY B 92 -15.25 -17.97 12.52
C GLY B 92 -15.34 -16.47 12.21
N ALA B 93 -16.55 -15.90 12.27
CA ALA B 93 -16.73 -14.52 11.84
C ALA B 93 -15.83 -13.59 12.69
N MET B 94 -15.81 -13.81 14.01
CA MET B 94 -15.04 -12.91 14.88
C MET B 94 -13.55 -13.08 14.65
N GLU B 95 -13.14 -14.29 14.32
CA GLU B 95 -11.76 -14.55 13.96
C GLU B 95 -11.37 -13.73 12.75
N VAL B 96 -12.25 -13.66 11.76
CA VAL B 96 -11.97 -12.88 10.57
C VAL B 96 -11.93 -11.39 10.93
N VAL B 97 -12.84 -10.93 11.76
CA VAL B 97 -12.78 -9.49 12.17
C VAL B 97 -11.42 -9.16 12.78
N LEU B 98 -10.93 -10.03 13.65
CA LEU B 98 -9.67 -9.77 14.34
C LEU B 98 -8.44 -9.83 13.36
N VAL B 99 -8.49 -10.71 12.37
CA VAL B 99 -7.44 -10.76 11.38
C VAL B 99 -7.52 -9.52 10.55
N ARG B 100 -8.72 -9.11 10.13
CA ARG B 100 -8.85 -7.92 9.31
C ARG B 100 -8.30 -6.67 10.01
N MET B 101 -8.42 -6.65 11.32
CA MET B 101 -8.00 -5.51 12.14
C MET B 101 -6.51 -5.18 11.94
N CYS B 102 -5.70 -6.14 11.53
CA CYS B 102 -4.27 -5.87 11.50
C CYS B 102 -3.93 -4.84 10.42
N ARG B 103 -4.84 -4.66 9.46
CA ARG B 103 -4.67 -3.66 8.41
C ARG B 103 -4.63 -2.26 9.01
N ALA B 104 -5.36 -2.12 10.09
CA ALA B 104 -5.58 -0.84 10.76
C ALA B 104 -4.66 -0.64 11.95
N TYR B 105 -3.68 -1.52 12.06
CA TYR B 105 -2.72 -1.52 13.17
C TYR B 105 -1.37 -1.04 12.65
N ASN B 106 -0.80 -0.10 13.40
CA ASN B 106 0.53 0.44 13.10
C ASN B 106 1.48 -0.12 14.13
N ALA B 107 2.31 -1.08 13.76
CA ALA B 107 3.26 -1.62 14.71
C ALA B 107 4.37 -0.64 15.16
N ASP B 108 4.65 0.40 14.37
CA ASP B 108 5.70 1.37 14.69
C ASP B 108 5.48 2.06 16.05
N ASN B 109 4.23 2.43 16.35
CA ASN B 109 3.94 3.15 17.58
C ASN B 109 2.86 2.41 18.38
N ARG B 110 2.51 1.21 17.93
CA ARG B 110 1.53 0.33 18.58
C ARG B 110 0.15 1.03 18.76
N THR B 111 -0.35 1.54 17.65
CA THR B 111 -1.64 2.19 17.64
C THR B 111 -2.59 1.51 16.66
N VAL B 112 -3.89 1.71 16.89
CA VAL B 112 -4.89 1.16 15.99
C VAL B 112 -5.81 2.29 15.55
N PHE B 113 -6.29 2.22 14.31
CA PHE B 113 -7.20 3.23 13.79
C PHE B 113 -8.55 3.03 14.48
N PHE B 114 -9.06 4.07 15.13
CA PHE B 114 -10.34 3.96 15.85
C PHE B 114 -11.05 5.32 15.80
N GLU B 115 -12.26 5.34 15.27
CA GLU B 115 -13.04 6.58 15.23
C GLU B 115 -12.24 7.75 14.65
N GLY B 116 -11.54 7.49 13.53
CA GLY B 116 -10.96 8.57 12.76
C GLY B 116 -9.50 8.91 12.96
N LYS B 117 -8.90 8.40 14.03
CA LYS B 117 -7.49 8.61 14.29
C LYS B 117 -6.87 7.35 14.89
N TYR B 118 -5.55 7.31 14.92
CA TYR B 118 -4.83 6.24 15.60
C TYR B 118 -4.67 6.44 17.06
N GLY B 119 -4.87 5.39 17.83
CA GLY B 119 -4.70 5.46 19.27
C GLY B 119 -4.09 4.21 19.84
N GLY B 120 -3.38 4.34 20.96
CA GLY B 120 -2.81 3.18 21.62
C GLY B 120 -3.80 2.47 22.54
N MET B 121 -3.36 1.39 23.18
CA MET B 121 -4.29 0.61 23.95
C MET B 121 -4.86 1.40 25.16
N GLU B 122 -4.13 2.41 25.65
CA GLU B 122 -4.61 3.19 26.78
C GLU B 122 -5.87 3.97 26.42
N LEU B 123 -6.19 4.10 25.13
CA LEU B 123 -7.42 4.84 24.74
C LEU B 123 -8.66 4.11 25.25
N PHE B 124 -8.56 2.80 25.48
CA PHE B 124 -9.73 1.98 25.77
C PHE B 124 -9.90 1.59 27.20
N ARG B 125 -9.19 2.27 28.12
CA ARG B 125 -9.22 1.86 29.53
C ARG B 125 -10.62 1.93 30.14
N ALA B 126 -11.50 2.82 29.67
CA ALA B 126 -12.83 2.91 30.29
C ALA B 126 -13.70 1.65 30.07
N LEU B 127 -13.34 0.81 29.10
CA LEU B 127 -14.07 -0.44 28.89
C LEU B 127 -13.84 -1.41 30.02
N GLY B 128 -12.76 -1.22 30.80
CA GLY B 128 -12.53 -2.12 31.90
C GLY B 128 -12.12 -3.52 31.60
N CYS B 129 -11.44 -3.70 30.47
CA CYS B 129 -10.97 -5.04 30.07
C CYS B 129 -9.59 -4.89 29.43
N SER B 130 -8.67 -4.32 30.21
CA SER B 130 -7.31 -4.06 29.75
C SER B 130 -6.60 -5.27 29.21
N GLU B 131 -6.75 -6.37 29.92
CA GLU B 131 -6.07 -7.59 29.53
C GLU B 131 -6.50 -7.96 28.09
N LEU B 132 -7.81 -7.92 27.85
CA LEU B 132 -8.32 -8.29 26.52
C LEU B 132 -7.81 -7.31 25.43
N ILE B 133 -7.85 -6.02 25.75
CA ILE B 133 -7.40 -5.00 24.83
C ILE B 133 -5.93 -5.25 24.49
N SER B 134 -5.10 -5.45 25.50
CA SER B 134 -3.66 -5.70 25.21
C SER B 134 -3.56 -7.00 24.32
N SER B 135 -4.41 -8.01 24.54
CA SER B 135 -4.40 -9.23 23.73
C SER B 135 -4.73 -8.97 22.25
N ILE B 136 -5.68 -8.09 21.99
CA ILE B 136 -6.04 -7.71 20.64
C ILE B 136 -4.86 -7.01 19.97
N PHE B 137 -4.23 -6.08 20.71
CA PHE B 137 -3.04 -5.39 20.18
C PHE B 137 -1.90 -6.35 19.89
N ASP B 138 -1.66 -7.30 20.79
CA ASP B 138 -0.60 -8.26 20.59
C ASP B 138 -0.86 -9.14 19.38
N PHE B 139 -2.12 -9.50 19.14
CA PHE B 139 -2.47 -10.34 18.00
C PHE B 139 -2.19 -9.60 16.71
N SER B 140 -2.66 -8.35 16.67
CA SER B 140 -2.43 -7.51 15.49
C SER B 140 -0.96 -7.34 15.26
N HIS B 141 -0.22 -7.11 16.35
CA HIS B 141 1.19 -6.90 16.20
C HIS B 141 1.84 -8.12 15.55
N SER B 142 1.40 -9.32 15.94
CA SER B 142 2.01 -10.53 15.41
C SER B 142 1.75 -10.66 13.91
N LEU B 143 0.56 -10.27 13.47
CA LEU B 143 0.23 -10.30 12.06
C LEU B 143 0.93 -9.23 11.26
N SER B 144 1.31 -8.14 11.91
CA SER B 144 1.84 -6.99 11.20
C SER B 144 3.18 -7.33 10.57
N ALA B 145 3.85 -8.32 11.15
CA ALA B 145 5.16 -8.75 10.70
C ALA B 145 5.13 -9.27 9.29
N LEU B 146 3.97 -9.78 8.88
CA LEU B 146 3.85 -10.46 7.61
C LEU B 146 3.78 -9.53 6.41
N HIS B 147 3.43 -8.28 6.65
CA HIS B 147 3.07 -7.37 5.57
C HIS B 147 2.13 -8.06 4.56
N PHE B 148 1.01 -8.60 5.05
CA PHE B 148 0.02 -9.21 4.15
C PHE B 148 -0.31 -8.28 2.99
N SER B 149 -0.32 -8.80 1.78
CA SER B 149 -0.95 -8.07 0.69
C SER B 149 -2.47 -8.19 0.85
N GLU B 150 -3.21 -7.38 0.12
CA GLU B 150 -4.67 -7.51 0.22
C GLU B 150 -5.15 -8.87 -0.32
N ASP B 151 -4.48 -9.36 -1.34
CA ASP B 151 -4.85 -10.66 -1.89
C ASP B 151 -4.56 -11.74 -0.86
N GLU B 152 -3.42 -11.63 -0.18
CA GLU B 152 -3.08 -12.62 0.84
C GLU B 152 -4.05 -12.66 2.02
N ILE B 153 -4.45 -11.48 2.49
CA ILE B 153 -5.37 -11.47 3.62
C ILE B 153 -6.79 -12.00 3.15
N ALA B 154 -7.14 -11.81 1.88
CA ALA B 154 -8.41 -12.31 1.34
C ALA B 154 -8.41 -13.84 1.39
N LEU B 155 -7.31 -14.43 0.92
CA LEU B 155 -7.24 -15.89 0.85
C LEU B 155 -7.10 -16.47 2.26
N TYR B 156 -6.31 -15.79 3.11
CA TYR B 156 -6.12 -16.30 4.45
C TYR B 156 -7.45 -16.24 5.24
N THR B 157 -8.20 -15.14 5.17
CA THR B 157 -9.44 -15.06 5.92
C THR B 157 -10.49 -16.00 5.35
N ALA B 158 -10.42 -16.31 4.05
CA ALA B 158 -11.35 -17.30 3.51
C ALA B 158 -11.09 -18.66 4.20
N LEU B 159 -9.81 -19.00 4.41
CA LEU B 159 -9.48 -20.26 5.10
C LEU B 159 -9.80 -20.23 6.59
N VAL B 160 -9.73 -19.05 7.24
CA VAL B 160 -10.15 -18.93 8.62
C VAL B 160 -11.61 -19.37 8.73
N LEU B 161 -12.41 -18.91 7.77
CA LEU B 161 -13.84 -19.21 7.81
C LEU B 161 -14.16 -20.63 7.40
N ILE B 162 -13.55 -21.15 6.34
CA ILE B 162 -13.93 -22.48 5.79
C ILE B 162 -13.00 -23.50 6.43
N ASN B 163 -13.39 -23.92 7.63
CA ASN B 163 -12.60 -24.79 8.50
C ASN B 163 -13.42 -26.04 8.80
N ALA B 164 -12.97 -27.17 8.29
CA ALA B 164 -13.76 -28.37 8.39
C ALA B 164 -13.68 -28.99 9.78
N HIS B 165 -12.90 -28.40 10.69
CA HIS B 165 -12.84 -28.96 12.03
C HIS B 165 -13.85 -28.37 12.98
N ARG B 166 -14.68 -27.42 12.54
CA ARG B 166 -15.68 -26.86 13.45
C ARG B 166 -16.66 -27.95 13.89
N PRO B 167 -16.88 -28.05 15.20
CA PRO B 167 -17.88 -29.01 15.66
C PRO B 167 -19.29 -28.63 15.17
N GLY B 168 -20.06 -29.63 14.80
CA GLY B 168 -21.47 -29.39 14.49
C GLY B 168 -21.82 -29.37 13.01
N LEU B 169 -20.85 -29.59 12.14
CA LEU B 169 -21.10 -29.62 10.70
C LEU B 169 -21.90 -30.87 10.33
N GLN B 170 -22.87 -30.68 9.43
CA GLN B 170 -23.68 -31.79 8.95
C GLN B 170 -23.08 -32.45 7.71
N GLU B 171 -22.36 -31.68 6.88
CA GLU B 171 -21.73 -32.19 5.68
C GLU B 171 -20.24 -31.94 5.78
N LYS B 172 -19.56 -32.66 6.67
CA LYS B 172 -18.14 -32.36 6.94
C LYS B 172 -17.30 -32.50 5.69
N ARG B 173 -17.53 -33.55 4.89
CA ARG B 173 -16.68 -33.75 3.72
C ARG B 173 -16.88 -32.65 2.68
N LYS B 174 -18.10 -32.12 2.55
CA LYS B 174 -18.28 -30.98 1.62
C LYS B 174 -17.44 -29.81 2.12
N VAL B 175 -17.38 -29.56 3.44
CA VAL B 175 -16.58 -28.43 3.96
C VAL B 175 -15.10 -28.71 3.71
N GLU B 176 -14.68 -29.96 3.88
CA GLU B 176 -13.29 -30.35 3.58
C GLU B 176 -12.90 -30.09 2.12
N GLN B 177 -13.81 -30.36 1.22
CA GLN B 177 -13.56 -30.14 -0.20
C GLN B 177 -13.43 -28.64 -0.46
N LEU B 178 -14.30 -27.80 0.12
CA LEU B 178 -14.19 -26.35 -0.13
C LEU B 178 -12.91 -25.80 0.50
N GLN B 179 -12.64 -26.25 1.70
CA GLN B 179 -11.42 -25.87 2.38
C GLN B 179 -10.21 -26.20 1.50
N TYR B 180 -10.16 -27.42 0.97
CA TYR B 180 -9.04 -27.80 0.12
C TYR B 180 -8.94 -26.89 -1.13
N ASN B 181 -10.06 -26.59 -1.77
CA ASN B 181 -10.01 -25.74 -2.96
C ASN B 181 -9.34 -24.40 -2.60
N LEU B 182 -9.70 -23.85 -1.45
CA LEU B 182 -9.10 -22.61 -0.96
C LEU B 182 -7.64 -22.79 -0.59
N GLU B 183 -7.28 -23.95 0.00
CA GLU B 183 -5.85 -24.25 0.30
C GLU B 183 -5.03 -24.27 -0.99
N LEU B 184 -5.60 -24.90 -2.03
CA LEU B 184 -4.91 -24.97 -3.30
C LEU B 184 -4.75 -23.56 -3.91
N ALA B 185 -5.79 -22.76 -3.83
CA ALA B 185 -5.76 -21.39 -4.31
C ALA B 185 -4.69 -20.57 -3.60
N PHE B 186 -4.66 -20.66 -2.29
CA PHE B 186 -3.70 -19.88 -1.46
C PHE B 186 -2.29 -20.32 -1.80
N HIS B 187 -2.07 -21.64 -1.78
CA HIS B 187 -0.79 -22.22 -2.13
C HIS B 187 -0.30 -21.76 -3.52
N HIS B 188 -1.19 -21.88 -4.51
CA HIS B 188 -0.85 -21.42 -5.83
C HIS B 188 -0.40 -19.96 -5.86
N HIS B 189 -1.19 -19.12 -5.21
CA HIS B 189 -0.93 -17.68 -5.23
C HIS B 189 0.40 -17.40 -4.57
N LEU B 190 0.67 -18.07 -3.46
CA LEU B 190 1.95 -17.82 -2.74
C LEU B 190 3.14 -18.31 -3.57
N CYS B 191 2.97 -19.41 -4.31
CA CYS B 191 4.05 -19.88 -5.16
C CYS B 191 4.31 -18.93 -6.31
N LYS B 192 3.24 -18.46 -6.97
CA LYS B 192 3.44 -17.56 -8.10
C LYS B 192 4.05 -16.25 -7.64
N THR B 193 3.69 -15.79 -6.45
CA THR B 193 4.22 -14.51 -5.98
C THR B 193 5.47 -14.66 -5.10
N HIS B 194 6.03 -15.87 -5.04
CA HIS B 194 7.20 -16.16 -4.21
C HIS B 194 7.05 -15.71 -2.75
N ARG B 195 5.90 -16.00 -2.15
CA ARG B 195 5.60 -15.59 -0.79
C ARG B 195 5.29 -16.75 0.14
N GLN B 196 5.82 -17.93 -0.21
CA GLN B 196 5.61 -19.11 0.60
C GLN B 196 6.14 -18.92 2.02
N SER B 197 7.15 -18.08 2.16
CA SER B 197 7.74 -17.84 3.46
C SER B 197 6.71 -17.37 4.51
N ILE B 198 5.61 -16.75 4.09
CA ILE B 198 4.70 -16.20 5.10
C ILE B 198 4.07 -17.32 5.91
N LEU B 199 4.01 -18.53 5.36
CA LEU B 199 3.27 -19.60 6.03
C LEU B 199 3.88 -19.97 7.37
N ALA B 200 5.20 -19.94 7.49
CA ALA B 200 5.83 -20.30 8.74
C ALA B 200 5.40 -19.28 9.77
N LYS B 201 5.33 -18.02 9.32
CA LYS B 201 5.10 -16.88 10.18
C LYS B 201 3.65 -16.71 10.64
N LEU B 202 2.71 -17.38 10.01
CA LEU B 202 1.31 -17.30 10.39
C LEU B 202 1.20 -17.68 11.85
N PRO B 203 0.12 -17.25 12.50
CA PRO B 203 0.10 -17.54 13.92
C PRO B 203 -0.62 -18.82 14.24
N PRO B 204 -0.31 -19.42 15.42
CA PRO B 204 -1.07 -20.60 15.82
C PRO B 204 -2.54 -20.32 15.89
N LYS B 205 -3.36 -21.20 15.34
CA LYS B 205 -4.79 -20.94 15.31
C LYS B 205 -5.37 -20.79 16.70
N GLY B 206 -4.55 -21.00 17.72
CA GLY B 206 -5.07 -20.99 19.07
C GLY B 206 -4.85 -19.70 19.76
N LYS B 207 -3.89 -18.92 19.30
CA LYS B 207 -3.75 -17.61 19.88
C LYS B 207 -5.01 -16.91 19.43
N LEU B 208 -5.61 -17.41 18.37
CA LEU B 208 -6.76 -16.68 17.87
C LEU B 208 -8.05 -17.24 18.46
N ARG B 209 -8.06 -18.54 18.71
CA ARG B 209 -9.20 -19.18 19.38
C ARG B 209 -9.25 -18.74 20.86
N SER B 210 -8.09 -18.44 21.44
CA SER B 210 -8.02 -17.93 22.80
C SER B 210 -8.39 -16.44 22.99
N LEU B 211 -8.10 -15.65 21.96
CA LEU B 211 -8.50 -14.26 21.94
C LEU B 211 -10.01 -14.20 21.79
N CYS B 212 -10.57 -15.05 20.93
CA CYS B 212 -12.01 -15.10 20.76
C CYS B 212 -12.73 -15.49 22.03
N SER B 213 -12.16 -16.45 22.75
CA SER B 213 -12.67 -16.87 24.06
C SER B 213 -12.78 -15.70 25.02
N GLN B 214 -11.73 -14.88 25.07
CA GLN B 214 -11.71 -13.71 25.95
C GLN B 214 -12.84 -12.74 25.54
N HIS B 215 -12.97 -12.56 24.22
CA HIS B 215 -13.97 -11.66 23.68
C HIS B 215 -15.36 -12.18 24.03
N VAL B 216 -15.58 -13.49 23.93
CA VAL B 216 -16.90 -13.99 24.15
C VAL B 216 -17.28 -13.79 25.61
N GLU B 217 -16.33 -14.00 26.54
CA GLU B 217 -16.59 -13.80 27.95
C GLU B 217 -16.89 -12.31 28.21
N ARG B 218 -16.09 -11.42 27.66
CA ARG B 218 -16.27 -10.02 27.96
C ARG B 218 -17.56 -9.47 27.36
N LEU B 219 -17.89 -9.94 26.17
CA LEU B 219 -19.12 -9.53 25.51
C LEU B 219 -20.34 -9.87 26.39
N GLN B 220 -20.36 -11.03 27.02
CA GLN B 220 -21.53 -11.41 27.80
C GLN B 220 -21.64 -10.55 29.05
N ILE B 221 -20.50 -10.11 29.58
CA ILE B 221 -20.49 -9.18 30.74
C ILE B 221 -21.06 -7.82 30.33
N PHE B 222 -20.62 -7.27 29.20
CA PHE B 222 -21.20 -6.01 28.74
C PHE B 222 -22.68 -6.09 28.50
N GLN B 223 -23.13 -7.16 27.82
CA GLN B 223 -24.54 -7.35 27.60
C GLN B 223 -25.34 -7.51 28.87
N HIS B 224 -24.71 -8.03 29.91
CA HIS B 224 -25.39 -8.13 31.19
C HIS B 224 -25.55 -6.74 31.82
N LEU B 225 -24.47 -5.96 31.76
CA LEU B 225 -24.48 -4.68 32.44
C LEU B 225 -25.35 -3.71 31.67
N HIS B 226 -25.32 -3.75 30.32
CA HIS B 226 -26.08 -2.83 29.50
C HIS B 226 -26.57 -3.51 28.26
N PRO B 227 -27.69 -4.20 28.37
CA PRO B 227 -28.20 -4.90 27.19
C PRO B 227 -28.48 -3.88 26.07
N ILE B 228 -28.06 -4.18 24.85
CA ILE B 228 -28.21 -3.21 23.75
C ILE B 228 -29.61 -3.25 23.13
C16 A1BW2 C . 21.14 6.48 -9.22
C17 A1BW2 C . 22.20 7.28 -9.57
C15 A1BW2 C . 19.87 7.05 -9.03
C18 A1BW2 C . 22.10 8.65 -9.73
C21 A1BW2 C . 19.78 8.40 -9.22
C19 A1BW2 C . 20.84 9.19 -9.56
C14 A1BW2 C . 18.80 6.22 -8.56
C10 A1BW2 C . 18.84 5.44 -7.42
C12 A1BW2 C . 16.77 4.95 -8.02
C8 A1BW2 C . 20.07 5.37 -6.60
C33 A1BW2 C . 15.46 4.40 -7.94
C5 A1BW2 C . 21.36 7.84 -4.29
C4 A1BW2 C . 20.32 8.59 -5.09
C6 A1BW2 C . 21.49 6.52 -5.00
C2 A1BW2 C . 19.39 7.50 -5.56
C1 A1BW2 C . 18.52 7.07 -4.43
C38 A1BW2 C . 12.70 2.82 -4.43
C39 A1BW2 C . 13.99 4.92 -4.72
C36 A1BW2 C . 14.03 3.12 -6.44
C23 A1BW2 C . 23.37 9.45 -10.03
C37 A1BW2 C . 13.98 3.42 -4.96
C25 A1BW2 C . 24.37 8.78 -10.92
C29 A1BW2 C . 24.03 9.72 -8.68
N11 A1BW2 C . 17.72 4.72 -7.11
N7 A1BW2 C . 20.32 6.47 -5.85
N35 A1BW2 C . 15.33 3.46 -6.96
O9 A1BW2 C . 20.84 4.44 -6.63
O34 A1BW2 C . 14.54 4.80 -8.65
O24 A1BW2 C . 23.15 10.74 -10.54
O40 A1BW2 C . 15.08 2.85 -4.25
F26 A1BW2 C . 23.72 8.31 -12.04
F27 A1BW2 C . 25.05 7.78 -10.36
F28 A1BW2 C . 25.29 9.65 -11.38
F30 A1BW2 C . 24.29 8.59 -8.01
F31 A1BW2 C . 23.24 10.51 -7.93
F32 A1BW2 C . 25.14 10.43 -8.89
S13 A1BW2 C . 17.22 6.03 -9.26
CL22 A1BW2 C . 18.24 9.15 -8.96
CL20 A1BW2 C . 20.57 10.90 -9.71
H50 A1BW2 C . 21.27 5.42 -9.10
H51 A1BW2 C . 23.17 6.81 -9.70
H46 A1BW2 C . 22.31 8.37 -4.28
H47 A1BW2 C . 21.02 7.69 -3.25
H45 A1BW2 C . 20.79 9.10 -5.93
H44 A1BW2 C . 19.80 9.31 -4.47
H48 A1BW2 C . 22.38 6.48 -5.63
H49 A1BW2 C . 21.47 5.68 -4.31
H3 A1BW2 C . 18.82 7.79 -6.46
H41 A1BW2 C . 19.12 6.76 -3.58
H42 A1BW2 C . 17.89 6.22 -4.73
H43 A1BW2 C . 17.87 7.89 -4.12
H56 A1BW2 C . 12.72 1.73 -4.56
H58 A1BW2 C . 11.84 3.22 -4.98
H57 A1BW2 C . 12.58 3.05 -3.37
H60 A1BW2 C . 13.77 5.13 -3.67
H61 A1BW2 C . 13.24 5.40 -5.34
H59 A1BW2 C . 14.97 5.34 -4.97
H54 A1BW2 C . 13.28 3.71 -6.99
H55 A1BW2 C . 13.86 2.07 -6.63
H53 A1BW2 C . 16.16 3.09 -6.50
H52 A1BW2 C . 22.43 10.65 -11.19
H62 A1BW2 C . 15.88 3.24 -4.64
C16 A1BW2 D . -15.25 -4.23 19.55
C17 A1BW2 D . -15.42 -4.80 20.80
C15 A1BW2 D . -14.32 -4.76 18.67
C18 A1BW2 D . -14.71 -5.91 21.24
C21 A1BW2 D . -13.63 -5.86 19.11
C19 A1BW2 D . -13.81 -6.44 20.34
C14 A1BW2 D . -14.08 -4.03 17.43
C10 A1BW2 D . -13.72 -2.70 17.32
C12 A1BW2 D . -13.68 -3.16 15.19
C8 A1BW2 D . -13.61 -1.85 18.52
C33 A1BW2 D . -13.48 -3.03 13.76
C5 A1BW2 D . -11.32 -1.92 21.31
C4 A1BW2 D . -10.87 -3.07 20.41
C6 A1BW2 D . -12.54 -1.37 20.60
C2 A1BW2 D . -11.36 -2.75 19.01
C1 A1BW2 D . -10.35 -1.91 18.27
C38 A1BW2 D . -10.94 -0.28 10.93
C39 A1BW2 D . -10.43 -1.71 12.88
C36 A1BW2 D . -12.74 -1.44 12.08
C23 A1BW2 D . -14.93 -6.44 22.63
C37 A1BW2 D . -11.41 -0.74 12.27
C25 A1BW2 D . -16.34 -6.41 23.12
C29 A1BW2 D . -14.08 -5.58 23.55
N11 A1BW2 D . -13.50 -2.19 16.07
N7 A1BW2 D . -12.52 -1.99 19.28
N35 A1BW2 D . -13.30 -1.72 13.37
O9 A1BW2 D . -14.50 -1.08 18.81
O34 A1BW2 D . -13.40 -3.98 12.98
O24 A1BW2 D . -14.42 -7.73 22.83
O40 A1BW2 D . -11.52 0.38 13.17
F26 A1BW2 D . -17.17 -7.01 22.19
F27 A1BW2 D . -16.78 -5.19 23.37
F28 A1BW2 D . -16.62 -7.10 24.26
F30 A1BW2 D . -14.42 -4.32 23.45
F31 A1BW2 D . -12.75 -5.66 23.28
F32 A1BW2 D . -14.31 -5.98 24.78
S13 A1BW2 D . -14.11 -4.68 15.83
CL22 A1BW2 D . -12.42 -6.54 18.07
CL20 A1BW2 D . -12.82 -7.81 20.71
H50 A1BW2 D . -15.83 -3.37 19.28
H51 A1BW2 D . -16.15 -4.36 21.47
H46 A1BW2 D . -11.58 -2.27 22.30
H47 A1BW2 D . -10.54 -1.15 21.38
H45 A1BW2 D . -11.30 -4.00 20.76
H44 A1BW2 D . -9.78 -3.15 20.43
H48 A1BW2 D . -13.46 -1.65 21.11
H49 A1BW2 D . -12.48 -0.29 20.48
H3 A1BW2 D . -11.64 -3.65 18.45
H41 A1BW2 D . -10.13 -1.00 18.84
H42 A1BW2 D . -10.74 -1.63 17.29
H43 A1BW2 D . -9.42 -2.46 18.13
H56 A1BW2 D . -9.95 0.17 11.00
H58 A1BW2 D . -11.63 0.47 10.52
H57 A1BW2 D . -10.90 -1.12 10.23
H60 A1BW2 D . -10.42 -2.65 12.31
H61 A1BW2 D . -9.42 -1.29 12.86
H59 A1BW2 D . -10.70 -1.94 13.91
H54 A1BW2 D . -13.43 -0.80 11.53
H55 A1BW2 D . -12.60 -2.39 11.55
H53 A1BW2 D . -13.46 -0.97 14.03
H52 A1BW2 D . -14.65 -8.25 22.04
H62 A1BW2 D . -11.86 0.03 14.00
#